data_3JYP
#
_entry.id   3JYP
#
_cell.length_a   120.82
_cell.length_b   63.25
_cell.length_c   35.73
_cell.angle_alpha   90.00
_cell.angle_beta   94.39
_cell.angle_gamma   90.00
#
_symmetry.space_group_name_H-M   'C 1 2 1'
#
loop_
_entity.id
_entity.type
_entity.pdbx_description
1 polymer 'Quinate/shikimate dehydrogenase'
2 non-polymer NICOTINAMIDE-ADENINE-DINUCLEOTIDE
3 non-polymer '(1S,3R,4S,5R)-1,3,4,5-tetrahydroxycyclohexanecarboxylic acid'
4 water water
#
_entity_poly.entity_id   1
_entity_poly.type   'polypeptide(L)'
_entity_poly.pdbx_seq_one_letter_code
;MNDSILLGLIGQGLDLSRTPAMHEAEGLAQGRATVYRRIDTLGSRASGQDLKTLLDAALYLGFNGLNITHPYKQAVLPLL
DEVSEQATQLGAVNTVVIDATGHTTGHNTDVSGFGRGMEEGLPNAKLDSVVQVGAGGVGNAVAYALVTHGVQKLQVADLD
TSRAQALADVINNAVGREAVVGVDARGIEDVIAAADGVVNATPMGMPAHPGTAFDVSCLTKDHWVGDVVYMPIETELLKA
ARALGCETLDGTRMAIHQAVDAFRLFTGLEPDVSRMRETFLSL
;
_entity_poly.pdbx_strand_id   A
#
loop_
_chem_comp.id
_chem_comp.type
_chem_comp.name
_chem_comp.formula
NAD non-polymer NICOTINAMIDE-ADENINE-DINUCLEOTIDE 'C21 H27 N7 O14 P2'
QIC non-polymer '(1S,3R,4S,5R)-1,3,4,5-tetrahydroxycyclohexanecarboxylic acid' 'C7 H12 O6'
#
# COMPACT_ATOMS: atom_id res chain seq x y z
N ASN A 2 10.37 24.27 -15.83
CA ASN A 2 11.12 23.02 -15.57
C ASN A 2 11.71 22.96 -14.15
N ASP A 3 11.00 23.54 -13.19
CA ASP A 3 11.46 23.58 -11.77
C ASP A 3 11.74 22.21 -11.20
N SER A 4 12.86 22.06 -10.51
CA SER A 4 13.26 20.78 -9.95
C SER A 4 12.33 20.38 -8.82
N ILE A 5 12.28 19.08 -8.58
CA ILE A 5 11.37 18.46 -7.63
C ILE A 5 12.17 17.73 -6.57
N LEU A 6 11.78 17.91 -5.31
CA LEU A 6 12.51 17.34 -4.16
C LEU A 6 11.54 16.56 -3.28
N LEU A 7 11.83 15.28 -3.14
CA LEU A 7 10.94 14.35 -2.43
C LEU A 7 11.75 13.46 -1.52
N GLY A 8 11.10 12.78 -0.57
CA GLY A 8 11.80 11.80 0.22
C GLY A 8 10.84 10.81 0.85
N LEU A 9 11.39 9.81 1.50
CA LEU A 9 10.64 8.74 2.17
C LEU A 9 11.15 8.62 3.59
N ILE A 10 10.28 8.85 4.57
CA ILE A 10 10.67 8.70 5.97
C ILE A 10 10.19 7.34 6.45
N GLY A 11 11.13 6.55 6.99
CA GLY A 11 10.82 5.21 7.48
C GLY A 11 12.09 4.51 7.94
N GLN A 12 11.96 3.22 8.22
CA GLN A 12 13.08 2.39 8.66
C GLN A 12 13.39 1.30 7.64
N GLY A 13 14.67 1.12 7.34
CA GLY A 13 15.13 0.01 6.52
C GLY A 13 14.73 0.15 5.06
N LEU A 14 15.18 1.24 4.46
CA LEU A 14 14.68 1.71 3.16
C LEU A 14 15.57 1.37 1.98
N ASP A 15 16.69 0.67 2.17
CA ASP A 15 17.69 0.54 1.11
C ASP A 15 17.09 -0.05 -0.16
N LEU A 16 16.20 -1.02 -0.02
CA LEU A 16 15.70 -1.75 -1.19
C LEU A 16 14.44 -1.16 -1.79
N SER A 17 13.97 -0.04 -1.26
CA SER A 17 12.78 0.60 -1.83
C SER A 17 12.98 0.94 -3.29
N ARG A 18 11.96 0.64 -4.10
CA ARG A 18 11.93 1.03 -5.51
C ARG A 18 11.25 2.36 -5.75
N THR A 19 10.70 2.95 -4.69
CA THR A 19 9.95 4.19 -4.82
C THR A 19 10.85 5.36 -5.25
N PRO A 20 12.04 5.53 -4.65
CA PRO A 20 12.88 6.65 -5.10
C PRO A 20 13.17 6.63 -6.58
N ALA A 21 13.53 5.47 -7.13
CA ALA A 21 13.88 5.36 -8.53
C ALA A 21 12.67 5.70 -9.42
N MET A 22 11.49 5.22 -9.04
CA MET A 22 10.29 5.51 -9.83
C MET A 22 10.05 7.00 -9.97
N HIS A 23 10.12 7.73 -8.85
CA HIS A 23 9.87 9.16 -8.89
C HIS A 23 10.97 9.93 -9.59
N GLU A 24 12.22 9.56 -9.34
CA GLU A 24 13.34 10.25 -9.99
C GLU A 24 13.24 10.12 -11.51
N ALA A 25 12.96 8.91 -11.98
CA ALA A 25 12.90 8.68 -13.42
C ALA A 25 11.71 9.42 -14.06
N GLU A 26 10.57 9.42 -13.39
CA GLU A 26 9.38 10.01 -13.98
C GLU A 26 9.45 11.53 -14.00
N GLY A 27 10.01 12.13 -12.95
CA GLY A 27 10.23 13.56 -12.98
C GLY A 27 11.12 13.93 -14.16
N LEU A 28 12.23 13.21 -14.32
CA LEU A 28 13.16 13.50 -15.41
C LEU A 28 12.49 13.31 -16.75
N ALA A 29 11.66 12.28 -16.88
CA ALA A 29 10.95 12.03 -18.14
C ALA A 29 9.99 13.16 -18.50
N GLN A 30 9.52 13.90 -17.49
CA GLN A 30 8.66 15.06 -17.70
C GLN A 30 9.41 16.36 -17.64
N GLY A 31 10.73 16.31 -17.76
CA GLY A 31 11.55 17.51 -17.89
C GLY A 31 11.83 18.24 -16.59
N ARG A 32 11.77 17.53 -15.46
N ARG A 32 11.75 17.51 -15.48
CA ARG A 32 12.01 18.16 -14.16
CA ARG A 32 12.00 18.04 -14.14
C ARG A 32 13.02 17.32 -13.37
C ARG A 32 13.11 17.22 -13.51
N ALA A 33 14.24 17.83 -13.20
CA ALA A 33 15.24 17.14 -12.39
C ALA A 33 14.60 16.84 -11.04
N THR A 34 14.67 15.58 -10.63
CA THR A 34 13.99 15.13 -9.42
C THR A 34 14.94 14.35 -8.53
N VAL A 35 15.00 14.75 -7.26
CA VAL A 35 15.72 14.03 -6.25
C VAL A 35 14.69 13.43 -5.31
N TYR A 36 14.85 12.14 -5.03
CA TYR A 36 14.01 11.46 -4.06
C TYR A 36 14.93 10.74 -3.08
N ARG A 37 15.04 11.25 -1.86
CA ARG A 37 15.93 10.70 -0.85
C ARG A 37 15.25 9.79 0.12
N ARG A 38 15.87 8.66 0.42
CA ARG A 38 15.53 7.89 1.61
C ARG A 38 15.91 8.73 2.83
N ILE A 39 15.04 8.73 3.83
CA ILE A 39 15.25 9.38 5.11
C ILE A 39 15.03 8.27 6.15
N ASP A 40 16.08 7.47 6.35
CA ASP A 40 15.99 6.20 7.03
C ASP A 40 16.46 6.34 8.46
N THR A 41 15.55 6.18 9.40
CA THR A 41 15.92 6.37 10.81
C THR A 41 16.71 5.20 11.39
N LEU A 42 17.01 4.18 10.60
CA LEU A 42 18.03 3.22 10.97
C LEU A 42 19.40 3.57 10.42
N GLY A 43 19.48 4.55 9.54
CA GLY A 43 20.73 4.88 8.86
C GLY A 43 21.52 5.98 9.51
N SER A 44 22.68 6.22 8.92
CA SER A 44 23.65 7.16 9.48
C SER A 44 23.17 8.61 9.52
N ARG A 45 22.35 9.04 8.55
CA ARG A 45 21.93 10.44 8.49
C ARG A 45 20.86 10.75 9.55
N ALA A 46 19.80 9.95 9.59
CA ALA A 46 18.58 10.32 10.32
C ALA A 46 18.31 9.54 11.63
N SER A 47 19.18 8.63 12.02
N SER A 47 19.21 8.65 12.01
CA SER A 47 18.88 7.79 13.19
CA SER A 47 18.98 7.83 13.23
C SER A 47 18.86 8.58 14.50
C SER A 47 18.79 8.70 14.47
N GLY A 48 17.87 8.29 15.34
CA GLY A 48 17.68 8.99 16.62
C GLY A 48 16.75 10.17 16.54
N GLN A 49 16.42 10.62 15.32
CA GLN A 49 15.59 11.78 15.19
C GLN A 49 14.14 11.40 15.26
N ASP A 50 13.39 12.28 15.89
CA ASP A 50 11.98 12.13 15.98
C ASP A 50 11.33 12.44 14.64
N LEU A 51 10.20 11.81 14.40
CA LEU A 51 9.44 12.04 13.18
C LEU A 51 9.18 13.54 12.94
N LYS A 52 8.79 14.27 13.98
N LYS A 52 8.80 14.26 14.00
CA LYS A 52 8.50 15.68 13.80
CA LYS A 52 8.50 15.68 13.92
C LYS A 52 9.74 16.42 13.32
C LYS A 52 9.71 16.50 13.44
N THR A 53 10.90 16.10 13.90
CA THR A 53 12.14 16.77 13.50
C THR A 53 12.38 16.61 12.00
N LEU A 54 12.13 15.40 11.52
CA LEU A 54 12.40 15.06 10.13
C LEU A 54 11.38 15.70 9.19
N LEU A 55 10.12 15.71 9.60
CA LEU A 55 9.08 16.39 8.85
C LEU A 55 9.37 17.89 8.75
N ASP A 56 9.67 18.51 9.89
CA ASP A 56 9.99 19.91 9.92
C ASP A 56 11.19 20.21 9.02
N ALA A 57 12.21 19.35 9.09
CA ALA A 57 13.40 19.50 8.25
C ALA A 57 13.02 19.57 6.77
N ALA A 58 12.14 18.68 6.33
CA ALA A 58 11.70 18.67 4.94
C ALA A 58 11.01 19.96 4.55
N LEU A 59 10.24 20.52 5.48
CA LEU A 59 9.59 21.80 5.23
C LEU A 59 10.64 22.88 5.04
N TYR A 60 11.58 22.97 5.97
CA TYR A 60 12.58 24.04 5.94
C TYR A 60 13.44 24.01 4.69
N LEU A 61 13.75 22.83 4.21
N LEU A 61 13.74 22.80 4.24
CA LEU A 61 14.76 22.73 3.18
CA LEU A 61 14.73 22.53 3.17
C LEU A 61 14.14 22.46 1.80
C LEU A 61 14.16 22.59 1.77
N GLY A 62 12.85 22.78 1.63
CA GLY A 62 12.27 22.94 0.31
C GLY A 62 11.78 21.66 -0.36
N PHE A 63 11.50 20.63 0.43
CA PHE A 63 10.87 19.44 -0.12
C PHE A 63 9.48 19.79 -0.61
N ASN A 64 9.09 19.14 -1.70
CA ASN A 64 7.75 19.27 -2.26
C ASN A 64 6.82 18.17 -1.79
N GLY A 65 7.37 17.13 -1.20
CA GLY A 65 6.55 16.02 -0.76
C GLY A 65 7.36 14.97 -0.08
N LEU A 66 6.67 14.12 0.67
CA LEU A 66 7.26 12.99 1.32
C LEU A 66 6.35 11.79 1.19
N ASN A 67 6.91 10.61 1.07
CA ASN A 67 6.19 9.42 1.47
C ASN A 67 6.59 9.06 2.89
N ILE A 68 5.71 8.31 3.53
CA ILE A 68 5.88 7.90 4.91
C ILE A 68 5.63 6.41 4.94
N THR A 69 6.54 5.66 5.55
CA THR A 69 6.35 4.24 5.71
C THR A 69 6.57 3.81 7.15
N HIS A 70 6.56 2.51 7.36
CA HIS A 70 6.69 1.95 8.69
C HIS A 70 7.95 2.45 9.39
N PRO A 71 7.85 2.77 10.68
CA PRO A 71 6.71 2.69 11.58
C PRO A 71 5.92 4.00 11.79
N TYR A 72 5.86 4.86 10.78
CA TYR A 72 5.35 6.22 10.97
C TYR A 72 4.02 6.56 10.34
N LYS A 73 3.34 5.62 9.67
CA LYS A 73 2.15 6.00 8.92
C LYS A 73 1.00 6.46 9.79
N GLN A 74 0.90 5.97 11.01
CA GLN A 74 -0.12 6.47 11.93
C GLN A 74 0.38 7.68 12.70
N ALA A 75 1.63 7.63 13.16
CA ALA A 75 2.21 8.68 13.97
C ALA A 75 2.24 10.02 13.26
N VAL A 76 2.33 10.01 11.94
CA VAL A 76 2.46 11.26 11.22
C VAL A 76 1.19 12.12 11.22
N LEU A 77 0.01 11.51 11.37
CA LEU A 77 -1.25 12.26 11.17
C LEU A 77 -1.38 13.53 12.00
N PRO A 78 -1.15 13.46 13.33
CA PRO A 78 -1.31 14.67 14.13
C PRO A 78 -0.28 15.76 13.85
N LEU A 79 0.76 15.44 13.10
CA LEU A 79 1.79 16.41 12.77
C LEU A 79 1.46 17.23 11.54
N LEU A 80 0.44 16.84 10.80
CA LEU A 80 0.14 17.46 9.51
C LEU A 80 -0.92 18.53 9.63
N ASP A 81 -0.90 19.51 8.72
CA ASP A 81 -1.90 20.57 8.72
C ASP A 81 -3.28 20.07 8.31
N GLU A 82 -3.32 19.19 7.32
CA GLU A 82 -4.56 18.67 6.78
C GLU A 82 -4.33 17.21 6.44
N VAL A 83 -5.39 16.42 6.52
CA VAL A 83 -5.36 15.02 6.14
C VAL A 83 -6.62 14.70 5.35
N SER A 84 -6.46 14.01 4.23
CA SER A 84 -7.58 13.64 3.38
C SER A 84 -8.58 12.83 4.20
N GLU A 85 -9.81 12.80 3.72
CA GLU A 85 -10.83 12.09 4.44
C GLU A 85 -10.52 10.59 4.55
N GLN A 86 -10.04 9.96 3.47
CA GLN A 86 -9.69 8.56 3.53
C GLN A 86 -8.56 8.27 4.50
N ALA A 87 -7.49 9.07 4.44
CA ALA A 87 -6.36 8.84 5.33
C ALA A 87 -6.76 9.09 6.77
N THR A 88 -7.63 10.07 7.00
CA THR A 88 -8.13 10.38 8.33
C THR A 88 -8.89 9.18 8.89
N GLN A 89 -9.80 8.65 8.08
CA GLN A 89 -10.63 7.56 8.58
C GLN A 89 -9.85 6.27 8.73
N LEU A 90 -8.90 6.01 7.86
CA LEU A 90 -8.02 4.85 8.03
C LEU A 90 -7.07 5.03 9.21
N GLY A 91 -6.72 6.27 9.50
CA GLY A 91 -5.71 6.57 10.50
C GLY A 91 -4.30 6.30 10.03
N ALA A 92 -4.04 6.42 8.73
CA ALA A 92 -2.73 6.13 8.19
C ALA A 92 -2.50 6.97 6.96
N VAL A 93 -1.32 7.59 6.91
CA VAL A 93 -0.88 8.43 5.79
C VAL A 93 0.40 7.87 5.24
N ASN A 94 0.50 7.76 3.91
CA ASN A 94 1.77 7.37 3.29
C ASN A 94 2.35 8.43 2.38
N THR A 95 1.63 9.55 2.21
CA THR A 95 1.98 10.60 1.24
C THR A 95 1.67 11.94 1.86
N VAL A 96 2.64 12.83 1.87
CA VAL A 96 2.49 14.17 2.39
C VAL A 96 2.85 15.14 1.29
N VAL A 97 1.88 15.96 0.87
CA VAL A 97 2.11 17.02 -0.10
C VAL A 97 2.49 18.26 0.66
N ILE A 98 3.61 18.87 0.30
CA ILE A 98 4.07 20.08 0.96
C ILE A 98 3.90 21.22 -0.05
N ASP A 99 3.08 22.20 0.32
N ASP A 99 3.05 22.18 0.25
CA ASP A 99 2.75 23.34 -0.54
CA ASP A 99 2.82 23.23 -0.74
C ASP A 99 3.99 24.23 -0.70
C ASP A 99 4.01 24.19 -0.75
N ALA A 100 3.99 25.13 -1.68
CA ALA A 100 5.14 26.01 -1.91
C ALA A 100 5.59 26.65 -0.61
N THR A 101 4.64 27.08 0.19
CA THR A 101 4.93 27.82 1.41
C THR A 101 4.99 26.99 2.68
N GLY A 102 4.92 25.65 2.57
CA GLY A 102 5.24 24.76 3.70
C GLY A 102 4.10 23.98 4.37
N HIS A 103 2.88 24.23 3.94
CA HIS A 103 1.70 23.54 4.48
C HIS A 103 1.69 22.08 4.07
N THR A 104 1.26 21.20 4.98
CA THR A 104 1.29 19.75 4.73
C THR A 104 -0.11 19.17 4.65
N THR A 105 -0.30 18.31 3.65
CA THR A 105 -1.54 17.57 3.50
C THR A 105 -1.22 16.11 3.36
N GLY A 106 -1.80 15.29 4.23
CA GLY A 106 -1.62 13.84 4.17
C GLY A 106 -2.66 13.16 3.30
N HIS A 107 -2.22 12.13 2.60
CA HIS A 107 -3.04 11.29 1.73
C HIS A 107 -2.64 9.84 1.92
N ASN A 108 -3.44 8.93 1.42
CA ASN A 108 -3.07 7.53 1.44
C ASN A 108 -3.20 6.92 0.06
N THR A 109 -2.06 6.78 -0.61
CA THR A 109 -2.02 6.19 -1.93
C THR A 109 -1.79 4.68 -1.91
N ASP A 110 -1.57 4.08 -0.73
CA ASP A 110 -1.68 2.64 -0.62
C ASP A 110 -3.12 2.19 -0.93
N VAL A 111 -4.08 2.94 -0.39
CA VAL A 111 -5.49 2.66 -0.63
C VAL A 111 -5.83 2.87 -2.11
N SER A 112 -5.50 4.03 -2.62
CA SER A 112 -5.85 4.33 -4.00
C SER A 112 -5.09 3.43 -4.97
N GLY A 113 -3.84 3.10 -4.63
CA GLY A 113 -3.02 2.26 -5.47
C GLY A 113 -3.53 0.83 -5.53
N PHE A 114 -3.91 0.27 -4.39
CA PHE A 114 -4.45 -1.09 -4.43
C PHE A 114 -5.76 -1.11 -5.22
N GLY A 115 -6.60 -0.10 -5.00
CA GLY A 115 -7.84 0.00 -5.74
C GLY A 115 -7.62 0.10 -7.24
N ARG A 116 -6.64 0.89 -7.64
CA ARG A 116 -6.31 0.98 -9.05
C ARG A 116 -5.83 -0.36 -9.59
N GLY A 117 -5.03 -1.08 -8.80
CA GLY A 117 -4.59 -2.40 -9.19
C GLY A 117 -5.76 -3.36 -9.44
N MET A 118 -6.79 -3.29 -8.61
N MET A 118 -6.79 -3.27 -8.59
CA MET A 118 -7.99 -4.11 -8.85
CA MET A 118 -8.03 -4.04 -8.78
C MET A 118 -8.63 -3.74 -10.20
C MET A 118 -8.68 -3.73 -10.12
N GLU A 119 -8.77 -2.43 -10.44
CA GLU A 119 -9.37 -1.99 -11.69
C GLU A 119 -8.55 -2.43 -12.90
N GLU A 120 -7.23 -2.34 -12.76
CA GLU A 120 -6.29 -2.61 -13.85
C GLU A 120 -6.11 -4.10 -14.11
N GLY A 121 -6.05 -4.88 -13.04
CA GLY A 121 -5.67 -6.28 -13.11
C GLY A 121 -6.75 -7.30 -12.80
N LEU A 122 -7.85 -6.85 -12.20
CA LEU A 122 -9.00 -7.71 -11.91
C LEU A 122 -10.33 -7.05 -12.33
N PRO A 123 -10.40 -6.51 -13.56
CA PRO A 123 -11.58 -5.73 -13.94
C PRO A 123 -12.89 -6.50 -13.90
N ASN A 124 -12.84 -7.82 -14.05
CA ASN A 124 -14.03 -8.65 -14.10
C ASN A 124 -14.27 -9.49 -12.85
N ALA A 125 -13.50 -9.26 -11.80
CA ALA A 125 -13.55 -10.11 -10.61
C ALA A 125 -14.89 -9.98 -9.90
N LYS A 126 -15.40 -11.10 -9.39
CA LYS A 126 -16.58 -11.11 -8.55
C LYS A 126 -16.17 -10.73 -7.13
N LEU A 127 -16.88 -9.78 -6.54
CA LEU A 127 -16.43 -9.13 -5.31
C LEU A 127 -17.41 -9.29 -4.16
N ASP A 128 -18.41 -10.16 -4.28
CA ASP A 128 -19.40 -10.26 -3.20
C ASP A 128 -18.81 -10.66 -1.86
N SER A 129 -17.91 -11.64 -1.89
CA SER A 129 -17.33 -12.19 -0.68
C SER A 129 -15.85 -12.44 -0.87
N VAL A 130 -15.02 -11.78 -0.08
CA VAL A 130 -13.57 -11.87 -0.19
C VAL A 130 -13.00 -12.13 1.18
N VAL A 131 -11.91 -12.88 1.21
CA VAL A 131 -11.13 -13.12 2.41
C VAL A 131 -9.80 -12.42 2.26
N GLN A 132 -9.36 -11.76 3.33
CA GLN A 132 -8.02 -11.21 3.39
C GLN A 132 -7.31 -11.84 4.57
N VAL A 133 -6.11 -12.37 4.32
CA VAL A 133 -5.29 -12.93 5.37
C VAL A 133 -4.16 -11.95 5.67
N GLY A 134 -4.17 -11.43 6.89
CA GLY A 134 -3.18 -10.44 7.31
C GLY A 134 -3.81 -9.08 7.54
N ALA A 135 -3.63 -8.55 8.75
CA ALA A 135 -4.20 -7.27 9.16
C ALA A 135 -3.17 -6.37 9.75
N GLY A 136 -1.95 -6.47 9.25
CA GLY A 136 -0.92 -5.49 9.56
C GLY A 136 -1.14 -4.14 8.88
N GLY A 137 -0.05 -3.38 8.82
CA GLY A 137 -0.06 -2.08 8.16
C GLY A 137 -0.54 -2.13 6.74
N VAL A 138 0.07 -2.96 5.90
CA VAL A 138 -0.33 -3.00 4.49
C VAL A 138 -1.78 -3.43 4.39
N GLY A 139 -2.12 -4.42 5.20
CA GLY A 139 -3.45 -4.98 5.21
C GLY A 139 -4.52 -3.98 5.51
N ASN A 140 -4.25 -2.98 6.34
CA ASN A 140 -5.26 -2.00 6.63
C ASN A 140 -5.66 -1.21 5.38
N ALA A 141 -4.67 -0.79 4.59
CA ALA A 141 -4.96 -0.08 3.36
C ALA A 141 -5.64 -0.96 2.33
N VAL A 142 -5.18 -2.19 2.23
CA VAL A 142 -5.75 -3.14 1.28
C VAL A 142 -7.23 -3.38 1.60
N ALA A 143 -7.56 -3.58 2.86
CA ALA A 143 -8.95 -3.83 3.22
C ALA A 143 -9.82 -2.63 2.89
N TYR A 144 -9.34 -1.43 3.18
CA TYR A 144 -10.11 -0.23 2.87
C TYR A 144 -10.33 -0.12 1.37
N ALA A 145 -9.29 -0.37 0.58
CA ALA A 145 -9.40 -0.33 -0.87
C ALA A 145 -10.43 -1.36 -1.32
N LEU A 146 -10.34 -2.59 -0.83
CA LEU A 146 -11.26 -3.63 -1.28
C LEU A 146 -12.72 -3.20 -1.10
N VAL A 147 -13.08 -2.74 0.10
CA VAL A 147 -14.48 -2.45 0.37
C VAL A 147 -14.97 -1.13 -0.20
N THR A 148 -14.07 -0.26 -0.65
CA THR A 148 -14.47 0.93 -1.39
C THR A 148 -14.43 0.76 -2.90
N HIS A 149 -13.91 -0.38 -3.39
CA HIS A 149 -13.87 -0.66 -4.81
C HIS A 149 -14.74 -1.88 -5.13
N GLY A 150 -15.76 -2.11 -4.30
CA GLY A 150 -16.86 -3.00 -4.64
C GLY A 150 -17.04 -4.27 -3.83
N VAL A 151 -16.16 -4.55 -2.85
CA VAL A 151 -16.31 -5.77 -2.08
C VAL A 151 -17.42 -5.58 -1.06
N GLN A 152 -18.41 -6.48 -1.11
CA GLN A 152 -19.55 -6.36 -0.24
C GLN A 152 -19.25 -6.86 1.16
N LYS A 153 -18.63 -8.03 1.27
CA LYS A 153 -18.26 -8.59 2.56
C LYS A 153 -16.81 -9.02 2.50
N LEU A 154 -16.01 -8.48 3.41
CA LEU A 154 -14.60 -8.86 3.56
C LEU A 154 -14.43 -9.51 4.91
N GLN A 155 -13.90 -10.72 4.91
CA GLN A 155 -13.55 -11.43 6.13
C GLN A 155 -12.05 -11.34 6.26
N VAL A 156 -11.59 -10.76 7.36
CA VAL A 156 -10.16 -10.55 7.58
C VAL A 156 -9.69 -11.44 8.72
N ALA A 157 -8.66 -12.22 8.46
CA ALA A 157 -8.05 -13.11 9.46
C ALA A 157 -6.63 -12.64 9.71
N ASP A 158 -6.22 -12.70 10.98
CA ASP A 158 -4.84 -12.51 11.35
C ASP A 158 -4.56 -13.45 12.50
N LEU A 159 -3.32 -13.94 12.60
CA LEU A 159 -2.92 -14.71 13.76
C LEU A 159 -3.27 -13.96 15.04
N ASP A 160 -3.10 -12.63 15.03
CA ASP A 160 -3.49 -11.79 16.13
C ASP A 160 -4.92 -11.32 15.88
N THR A 161 -5.88 -12.00 16.49
CA THR A 161 -7.30 -11.74 16.25
C THR A 161 -7.64 -10.29 16.53
N SER A 162 -7.03 -9.72 17.57
CA SER A 162 -7.31 -8.34 17.92
C SER A 162 -6.92 -7.35 16.80
N ARG A 163 -5.87 -7.65 16.04
CA ARG A 163 -5.48 -6.81 14.90
C ARG A 163 -6.57 -6.85 13.84
N ALA A 164 -7.12 -8.02 13.59
CA ALA A 164 -8.16 -8.15 12.60
C ALA A 164 -9.41 -7.43 13.05
N GLN A 165 -9.77 -7.56 14.32
CA GLN A 165 -10.94 -6.89 14.82
C GLN A 165 -10.81 -5.38 14.83
N ALA A 166 -9.63 -4.87 15.17
CA ALA A 166 -9.37 -3.44 15.14
C ALA A 166 -9.50 -2.90 13.73
N LEU A 167 -8.95 -3.65 12.77
N LEU A 167 -8.97 -3.65 12.77
CA LEU A 167 -9.07 -3.30 11.35
CA LEU A 167 -9.07 -3.24 11.38
C LEU A 167 -10.53 -3.19 10.95
C LEU A 167 -10.53 -3.18 10.92
N ALA A 168 -11.29 -4.22 11.27
CA ALA A 168 -12.70 -4.25 10.93
C ALA A 168 -13.41 -3.03 11.48
N ASP A 169 -13.14 -2.66 12.72
CA ASP A 169 -13.80 -1.52 13.29
C ASP A 169 -13.44 -0.24 12.57
N VAL A 170 -12.18 -0.03 12.25
CA VAL A 170 -11.74 1.15 11.56
C VAL A 170 -12.38 1.24 10.17
N ILE A 171 -12.34 0.15 9.41
CA ILE A 171 -12.87 0.20 8.06
C ILE A 171 -14.38 0.39 8.07
N ASN A 172 -15.07 -0.32 8.94
CA ASN A 172 -16.53 -0.20 8.97
C ASN A 172 -16.93 1.22 9.34
N ASN A 173 -16.21 1.84 10.25
CA ASN A 173 -16.50 3.23 10.57
C ASN A 173 -16.23 4.13 9.36
N ALA A 174 -15.15 3.88 8.64
CA ALA A 174 -14.76 4.71 7.50
C ALA A 174 -15.81 4.68 6.40
N VAL A 175 -16.40 3.51 6.16
CA VAL A 175 -17.34 3.36 5.04
C VAL A 175 -18.79 3.49 5.47
N GLY A 176 -19.07 3.35 6.76
CA GLY A 176 -20.43 3.52 7.27
C GLY A 176 -21.33 2.32 7.07
N ARG A 177 -20.74 1.13 7.07
CA ARG A 177 -21.50 -0.12 7.01
C ARG A 177 -20.62 -1.23 7.56
N GLU A 178 -21.23 -2.36 7.92
N GLU A 178 -21.21 -2.40 7.84
CA GLU A 178 -20.47 -3.53 8.32
CA GLU A 178 -20.44 -3.53 8.32
C GLU A 178 -19.98 -4.24 7.05
C GLU A 178 -19.85 -4.33 7.17
N ALA A 179 -18.89 -3.72 6.52
CA ALA A 179 -18.25 -4.29 5.37
C ALA A 179 -17.27 -5.40 5.74
N VAL A 180 -16.66 -5.31 6.92
CA VAL A 180 -15.55 -6.18 7.32
C VAL A 180 -15.91 -6.89 8.61
N VAL A 181 -15.58 -8.17 8.63
CA VAL A 181 -15.72 -8.98 9.83
C VAL A 181 -14.38 -9.67 10.08
N GLY A 182 -13.92 -9.61 11.32
CA GLY A 182 -12.79 -10.43 11.73
C GLY A 182 -13.24 -11.88 11.87
N VAL A 183 -12.44 -12.79 11.34
CA VAL A 183 -12.66 -14.23 11.47
C VAL A 183 -11.37 -14.90 11.92
N ASP A 184 -11.51 -16.08 12.52
CA ASP A 184 -10.34 -16.77 13.02
C ASP A 184 -9.39 -17.17 11.89
N ALA A 185 -8.09 -17.07 12.14
CA ALA A 185 -7.10 -17.67 11.22
C ALA A 185 -7.18 -19.19 11.17
N ARG A 186 -7.39 -19.81 12.32
CA ARG A 186 -7.57 -21.26 12.35
C ARG A 186 -8.84 -21.64 11.59
N GLY A 187 -8.69 -22.52 10.60
CA GLY A 187 -9.82 -22.94 9.77
C GLY A 187 -10.15 -21.97 8.64
N ILE A 188 -9.25 -21.04 8.33
CA ILE A 188 -9.53 -20.03 7.31
C ILE A 188 -9.77 -20.66 5.94
N GLU A 189 -9.20 -21.82 5.68
CA GLU A 189 -9.38 -22.51 4.40
C GLU A 189 -10.85 -22.72 4.06
N ASP A 190 -11.65 -23.10 5.04
CA ASP A 190 -13.08 -23.31 4.77
C ASP A 190 -13.79 -22.00 4.44
N VAL A 191 -13.33 -20.91 5.03
CA VAL A 191 -13.90 -19.61 4.75
C VAL A 191 -13.53 -19.18 3.32
N ILE A 192 -12.26 -19.38 2.97
CA ILE A 192 -11.78 -19.05 1.62
C ILE A 192 -12.51 -19.87 0.58
N ALA A 193 -12.72 -21.16 0.87
CA ALA A 193 -13.32 -22.07 -0.11
C ALA A 193 -14.68 -21.55 -0.55
N ALA A 194 -15.42 -20.94 0.38
CA ALA A 194 -16.77 -20.40 0.12
C ALA A 194 -16.82 -19.00 -0.48
N ALA A 195 -15.68 -18.30 -0.49
CA ALA A 195 -15.60 -16.93 -0.95
C ALA A 195 -15.29 -16.86 -2.44
N ASP A 196 -15.40 -15.66 -2.99
CA ASP A 196 -15.09 -15.38 -4.40
C ASP A 196 -13.63 -15.14 -4.66
N GLY A 197 -12.92 -14.65 -3.64
CA GLY A 197 -11.54 -14.30 -3.80
C GLY A 197 -10.84 -14.23 -2.48
N VAL A 198 -9.51 -14.23 -2.55
CA VAL A 198 -8.68 -14.17 -1.36
C VAL A 198 -7.44 -13.35 -1.68
N VAL A 199 -7.04 -12.54 -0.71
CA VAL A 199 -5.85 -11.71 -0.79
C VAL A 199 -4.91 -12.03 0.35
N ASN A 200 -3.65 -12.33 0.01
CA ASN A 200 -2.61 -12.42 1.00
C ASN A 200 -2.05 -11.06 1.31
N ALA A 201 -2.12 -10.68 2.59
CA ALA A 201 -1.52 -9.46 3.10
C ALA A 201 -0.55 -9.79 4.23
N THR A 202 0.07 -10.96 4.17
CA THR A 202 1.12 -11.37 5.10
C THR A 202 2.44 -11.39 4.35
N PRO A 203 3.55 -11.54 5.11
CA PRO A 203 4.85 -11.70 4.47
C PRO A 203 5.06 -13.04 3.76
N MET A 204 4.15 -14.00 3.92
CA MET A 204 4.36 -15.30 3.34
C MET A 204 4.52 -15.19 1.84
N GLY A 205 5.51 -15.90 1.32
CA GLY A 205 5.84 -15.89 -0.10
C GLY A 205 7.14 -15.18 -0.39
N MET A 206 7.56 -14.29 0.50
CA MET A 206 8.88 -13.67 0.41
C MET A 206 9.99 -14.72 0.59
N PRO A 207 11.19 -14.46 0.05
CA PRO A 207 12.32 -15.38 0.20
C PRO A 207 12.64 -15.76 1.66
N ALA A 208 12.45 -14.82 2.57
CA ALA A 208 12.72 -15.08 3.98
C ALA A 208 11.50 -15.62 4.70
N HIS A 209 10.36 -15.75 4.00
CA HIS A 209 9.11 -16.31 4.57
C HIS A 209 8.47 -17.26 3.58
N PRO A 210 9.22 -18.30 3.19
CA PRO A 210 8.73 -19.16 2.13
C PRO A 210 7.46 -19.91 2.51
N GLY A 211 6.61 -20.12 1.52
CA GLY A 211 5.37 -20.84 1.71
C GLY A 211 4.17 -19.97 1.46
N THR A 212 3.04 -20.39 2.03
CA THR A 212 1.76 -19.70 1.86
C THR A 212 1.11 -19.53 3.23
N ALA A 213 0.19 -18.57 3.34
CA ALA A 213 -0.46 -18.26 4.62
C ALA A 213 -1.61 -19.21 4.93
N PHE A 214 -1.96 -20.04 3.97
CA PHE A 214 -3.02 -21.01 4.16
C PHE A 214 -2.79 -22.12 3.14
N ASP A 215 -3.48 -23.24 3.32
CA ASP A 215 -3.31 -24.38 2.44
C ASP A 215 -4.00 -24.11 1.12
N VAL A 216 -3.24 -24.08 0.03
CA VAL A 216 -3.80 -23.73 -1.27
C VAL A 216 -4.74 -24.76 -1.86
N SER A 217 -4.86 -25.93 -1.24
N SER A 217 -4.83 -25.93 -1.22
CA SER A 217 -5.82 -26.91 -1.71
CA SER A 217 -5.82 -26.94 -1.56
C SER A 217 -7.28 -26.46 -1.52
C SER A 217 -7.23 -26.39 -1.60
N CYS A 218 -7.50 -25.37 -0.78
CA CYS A 218 -8.84 -24.80 -0.67
C CYS A 218 -9.25 -23.93 -1.87
N LEU A 219 -8.31 -23.61 -2.75
CA LEU A 219 -8.62 -22.82 -3.92
C LEU A 219 -9.31 -23.65 -4.98
N THR A 220 -10.14 -22.97 -5.77
CA THR A 220 -10.74 -23.55 -6.97
C THR A 220 -10.45 -22.64 -8.14
N LYS A 221 -10.65 -23.21 -9.32
CA LYS A 221 -10.52 -22.50 -10.57
C LYS A 221 -11.37 -21.24 -10.67
N ASP A 222 -12.43 -21.14 -9.89
CA ASP A 222 -13.31 -20.01 -9.96
C ASP A 222 -12.91 -18.85 -9.05
N HIS A 223 -12.02 -19.10 -8.10
CA HIS A 223 -11.50 -18.03 -7.27
C HIS A 223 -10.66 -17.06 -8.06
N TRP A 224 -10.56 -15.83 -7.60
CA TRP A 224 -9.43 -14.97 -7.91
C TRP A 224 -8.56 -14.84 -6.66
N VAL A 225 -7.28 -14.56 -6.89
CA VAL A 225 -6.31 -14.52 -5.80
C VAL A 225 -5.39 -13.32 -5.96
N GLY A 226 -5.24 -12.56 -4.90
CA GLY A 226 -4.32 -11.44 -4.86
C GLY A 226 -3.22 -11.63 -3.83
N ASP A 227 -2.11 -10.92 -4.04
CA ASP A 227 -1.00 -11.00 -3.11
C ASP A 227 -0.36 -9.63 -3.03
N VAL A 228 -0.04 -9.20 -1.82
CA VAL A 228 0.67 -7.94 -1.64
C VAL A 228 2.18 -8.07 -1.83
N VAL A 229 2.71 -9.28 -1.72
CA VAL A 229 4.14 -9.50 -1.86
C VAL A 229 4.50 -9.17 -3.31
N TYR A 230 5.56 -8.39 -3.50
CA TYR A 230 5.97 -8.04 -4.86
C TYR A 230 7.32 -8.57 -5.27
N MET A 231 8.01 -9.25 -4.36
CA MET A 231 9.25 -9.93 -4.66
C MET A 231 9.27 -11.22 -3.86
N PRO A 232 9.10 -12.36 -4.54
CA PRO A 232 8.94 -12.52 -5.98
C PRO A 232 7.58 -12.05 -6.45
N ILE A 233 7.47 -11.75 -7.74
CA ILE A 233 6.19 -11.33 -8.31
C ILE A 233 5.23 -12.51 -8.30
N GLU A 234 5.72 -13.67 -8.69
CA GLU A 234 4.91 -14.87 -8.64
C GLU A 234 5.25 -15.64 -7.38
N THR A 235 4.48 -15.38 -6.34
CA THR A 235 4.64 -16.11 -5.11
C THR A 235 4.10 -17.53 -5.29
N GLU A 236 4.42 -18.39 -4.32
CA GLU A 236 3.91 -19.76 -4.32
C GLU A 236 2.38 -19.75 -4.39
N LEU A 237 1.75 -18.83 -3.65
CA LEU A 237 0.30 -18.67 -3.68
C LEU A 237 -0.21 -18.37 -5.07
N LEU A 238 0.38 -17.38 -5.73
CA LEU A 238 -0.09 -17.02 -7.06
C LEU A 238 0.18 -18.10 -8.08
N LYS A 239 1.30 -18.82 -7.93
CA LYS A 239 1.59 -19.99 -8.77
C LYS A 239 0.49 -21.04 -8.65
N ALA A 240 0.09 -21.33 -7.41
CA ALA A 240 -0.95 -22.31 -7.18
C ALA A 240 -2.28 -21.86 -7.80
N ALA A 241 -2.59 -20.58 -7.65
CA ALA A 241 -3.82 -20.05 -8.22
C ALA A 241 -3.80 -20.13 -9.75
N ARG A 242 -2.70 -19.70 -10.33
CA ARG A 242 -2.57 -19.73 -11.78
C ARG A 242 -2.66 -21.15 -12.34
N ALA A 243 -2.14 -22.12 -11.60
CA ALA A 243 -2.21 -23.53 -12.02
C ALA A 243 -3.65 -24.00 -12.19
N LEU A 244 -4.56 -23.46 -11.39
CA LEU A 244 -5.98 -23.78 -11.50
C LEU A 244 -6.71 -22.95 -12.55
N GLY A 245 -6.07 -21.93 -13.11
CA GLY A 245 -6.71 -21.05 -14.08
C GLY A 245 -7.34 -19.82 -13.46
N CYS A 246 -6.98 -19.53 -12.21
CA CYS A 246 -7.51 -18.36 -11.53
C CYS A 246 -6.92 -17.09 -12.06
N GLU A 247 -7.72 -16.03 -12.12
CA GLU A 247 -7.18 -14.69 -12.27
C GLU A 247 -6.41 -14.34 -11.01
N THR A 248 -5.31 -13.62 -11.21
CA THR A 248 -4.43 -13.25 -10.11
C THR A 248 -4.06 -11.79 -10.17
N LEU A 249 -3.85 -11.23 -8.99
CA LEU A 249 -3.42 -9.84 -8.83
C LEU A 249 -2.10 -9.86 -8.05
N ASP A 250 -1.02 -9.52 -8.74
CA ASP A 250 0.29 -9.55 -8.10
C ASP A 250 0.56 -8.23 -7.39
N GLY A 251 1.52 -8.27 -6.49
CA GLY A 251 1.79 -7.16 -5.59
C GLY A 251 2.43 -5.96 -6.23
N THR A 252 2.97 -6.12 -7.43
CA THR A 252 3.58 -4.97 -8.09
C THR A 252 2.55 -3.90 -8.45
N ARG A 253 1.29 -4.28 -8.65
CA ARG A 253 0.29 -3.28 -9.07
C ARG A 253 0.12 -2.21 -8.02
N MET A 254 -0.08 -2.63 -6.78
N MET A 254 -0.08 -2.60 -6.76
CA MET A 254 -0.19 -1.69 -5.68
CA MET A 254 -0.21 -1.62 -5.70
C MET A 254 1.09 -0.88 -5.51
C MET A 254 1.11 -0.87 -5.50
N ALA A 255 2.24 -1.56 -5.60
CA ALA A 255 3.52 -0.93 -5.37
C ALA A 255 3.81 0.14 -6.39
N ILE A 256 3.41 -0.10 -7.64
CA ILE A 256 3.57 0.89 -8.69
C ILE A 256 2.54 2.02 -8.54
N HIS A 257 1.27 1.65 -8.38
CA HIS A 257 0.21 2.66 -8.37
C HIS A 257 0.24 3.57 -7.17
N GLN A 258 0.76 3.11 -6.02
CA GLN A 258 0.90 4.03 -4.90
C GLN A 258 1.84 5.17 -5.29
N ALA A 259 2.86 4.85 -6.08
CA ALA A 259 3.83 5.84 -6.55
C ALA A 259 3.27 6.70 -7.68
N VAL A 260 2.52 6.10 -8.60
CA VAL A 260 1.83 6.87 -9.62
C VAL A 260 0.96 7.94 -8.95
N ASP A 261 0.15 7.52 -7.98
CA ASP A 261 -0.80 8.42 -7.38
C ASP A 261 -0.08 9.47 -6.53
N ALA A 262 0.98 9.08 -5.84
CA ALA A 262 1.77 10.03 -5.06
C ALA A 262 2.45 11.05 -5.97
N PHE A 263 2.98 10.60 -7.09
CA PHE A 263 3.66 11.51 -8.02
C PHE A 263 2.69 12.59 -8.50
N ARG A 264 1.49 12.15 -8.85
CA ARG A 264 0.44 13.09 -9.27
C ARG A 264 0.15 14.11 -8.16
N LEU A 265 0.00 13.65 -6.94
CA LEU A 265 -0.29 14.54 -5.82
C LEU A 265 0.87 15.49 -5.55
N PHE A 266 2.10 14.97 -5.61
CA PHE A 266 3.28 15.80 -5.32
C PHE A 266 3.50 16.89 -6.35
N THR A 267 3.22 16.61 -7.61
CA THR A 267 3.69 17.45 -8.71
C THR A 267 2.60 18.14 -9.52
N GLY A 268 1.38 17.62 -9.47
CA GLY A 268 0.30 18.10 -10.35
C GLY A 268 0.44 17.62 -11.78
N LEU A 269 1.44 16.80 -12.07
CA LEU A 269 1.65 16.24 -13.40
C LEU A 269 0.94 14.92 -13.52
N GLU A 270 0.57 14.54 -14.74
CA GLU A 270 -0.04 13.25 -14.99
C GLU A 270 1.08 12.23 -15.25
N PRO A 271 1.28 11.29 -14.31
CA PRO A 271 2.36 10.32 -14.47
C PRO A 271 2.06 9.36 -15.60
N ASP A 272 3.11 8.89 -16.25
CA ASP A 272 3.00 7.84 -17.23
C ASP A 272 3.16 6.51 -16.52
N VAL A 273 2.07 5.76 -16.44
CA VAL A 273 2.06 4.51 -15.71
C VAL A 273 3.03 3.51 -16.29
N SER A 274 3.06 3.37 -17.60
CA SER A 274 3.95 2.39 -18.18
C SER A 274 5.41 2.68 -17.90
N ARG A 275 5.81 3.95 -17.90
CA ARG A 275 7.18 4.29 -17.57
C ARG A 275 7.50 3.94 -16.12
N MET A 276 6.60 4.25 -15.21
CA MET A 276 6.86 3.96 -13.80
C MET A 276 6.88 2.47 -13.52
N ARG A 277 5.98 1.72 -14.17
CA ARG A 277 6.02 0.27 -14.12
C ARG A 277 7.35 -0.28 -14.63
N GLU A 278 7.82 0.22 -15.76
CA GLU A 278 9.09 -0.25 -16.28
C GLU A 278 10.25 0.08 -15.35
N THR A 279 10.25 1.25 -14.73
CA THR A 279 11.28 1.51 -13.72
C THR A 279 11.22 0.48 -12.61
N PHE A 280 10.03 0.24 -12.07
CA PHE A 280 9.88 -0.68 -10.97
C PHE A 280 10.44 -2.05 -11.34
N LEU A 281 10.05 -2.57 -12.51
CA LEU A 281 10.46 -3.91 -12.92
C LEU A 281 11.95 -4.02 -13.24
N SER A 282 12.58 -2.90 -13.54
CA SER A 282 13.99 -2.88 -13.89
C SER A 282 14.93 -3.02 -12.70
N LEU A 283 14.40 -2.91 -11.48
CA LEU A 283 15.22 -2.88 -10.27
C LEU A 283 15.29 -4.21 -9.54
PA NAD B . 3.06 -6.90 9.23
O1A NAD B . 4.09 -7.88 9.75
O2A NAD B . 2.83 -5.58 9.94
O5B NAD B . 1.63 -7.59 9.08
C5B NAD B . 1.52 -8.91 8.59
C4B NAD B . 0.41 -9.60 9.36
O4B NAD B . 0.30 -10.93 8.86
C3B NAD B . 0.68 -9.71 10.86
O3B NAD B . -0.31 -8.99 11.60
C2B NAD B . 0.72 -11.21 11.13
O2B NAD B . 0.17 -11.60 12.40
C1B NAD B . -0.08 -11.75 9.96
N9A NAD B . 0.22 -13.13 9.55
C8A NAD B . 1.40 -13.69 9.27
N7A NAD B . 1.20 -14.98 8.90
C5A NAD B . -0.13 -15.22 8.95
C6A NAD B . -0.94 -16.31 8.69
N6A NAD B . -0.41 -17.50 8.28
N1A NAD B . -2.27 -16.20 8.84
C2A NAD B . -2.84 -15.05 9.24
N3A NAD B . -2.09 -13.97 9.49
C4A NAD B . -0.74 -14.04 9.35
O3 NAD B . 3.49 -6.65 7.69
PN NAD B . 2.95 -5.50 6.73
O1N NAD B . 1.45 -5.39 6.80
O2N NAD B . 3.80 -4.28 6.97
O5D NAD B . 3.40 -6.07 5.32
C5D NAD B . 2.90 -7.32 4.85
C4D NAD B . 3.63 -7.59 3.54
O4D NAD B . 3.23 -6.62 2.58
C3D NAD B . 5.14 -7.40 3.64
O3D NAD B . 5.78 -8.56 4.15
C2D NAD B . 5.53 -7.09 2.22
O2D NAD B . 5.89 -8.31 1.56
C1D NAD B . 4.26 -6.53 1.59
N1N NAD B . 4.31 -5.13 1.18
C2N NAD B . 3.77 -4.85 -0.02
C3N NAD B . 3.74 -3.57 -0.51
C7N NAD B . 3.13 -3.33 -1.87
O7N NAD B . 2.95 -2.09 -2.28
N7N NAD B . 2.78 -4.28 -2.65
C4N NAD B . 4.27 -2.53 0.27
C5N NAD B . 4.82 -2.83 1.51
C6N NAD B . 4.83 -4.15 1.96
C1 QIC C . 7.21 2.27 0.34
O1 QIC C . 7.57 2.48 1.70
C2 QIC C . 6.14 1.19 0.28
O2 QIC C . 4.96 1.71 2.35
C3 QIC C . 4.84 1.65 0.93
O3 QIC C . 3.24 3.40 1.05
C4 QIC C . 4.42 3.01 0.37
O4 QIC C . 5.07 5.24 -0.30
C5 QIC C . 5.50 4.09 0.41
O5 QIC C . 9.43 1.58 0.24
C6 QIC C . 6.76 3.59 -0.27
O6 QIC C . 8.31 1.61 -1.67
C7 QIC C . 8.40 1.79 -0.42
#